data_6LY3
#
_entry.id   6LY3
#
_cell.length_a   105.252
_cell.length_b   105.252
_cell.length_c   71.701
_cell.angle_alpha   90.000
_cell.angle_beta   90.000
_cell.angle_gamma   120.000
#
_symmetry.space_group_name_H-M   'P 64'
#
loop_
_entity.id
_entity.type
_entity.pdbx_description
1 polymer 'Pyrrolysine--tRNA ligase'
2 non-polymer 'PHOSPHOAMINOPHOSPHONIC ACID-ADENYLATE ESTER'
3 non-polymer 'MAGNESIUM ION'
4 non-polymer 3-(1-benzothiophen-3-yl)-L-alanine
5 water water
#
_entity_poly.entity_id   1
_entity_poly.type   'polypeptide(L)'
_entity_poly.pdbx_seq_one_letter_code
;MHHHHHHASAPALTKSQTDRLEVLLNPKDEISLNSGKPFRELESELLSRRKKDLQQIYAEERENYLGKLEREITRFFVDR
GFLEIKSPILIPLEYIERMGIDNDTELSKQIFRVDKNFCLRPMLAPNLYNYLRKLDRALPDPIKIFEIGPCYRKESDGKE
HLEEFTMLGFQQMGSGCTRENLESIITDFLNHLGIDFKIVGDSCMVYGDTLDVMHGDLELSSAGVGPIPLDREWGIDKPW
IGAGFGLERLLKVKHDFKNIKRAARSESYYNGISTNL
;
_entity_poly.pdbx_strand_id   A
#
loop_
_chem_comp.id
_chem_comp.type
_chem_comp.name
_chem_comp.formula
ANP non-polymer 'PHOSPHOAMINOPHOSPHONIC ACID-ADENYLATE ESTER' 'C10 H17 N6 O12 P3'
MG non-polymer 'MAGNESIUM ION' 'Mg 2'
#
# COMPACT_ATOMS: atom_id res chain seq x y z
N ALA A 12 -26.31 27.59 -12.40
CA ALA A 12 -25.04 26.92 -12.68
C ALA A 12 -24.14 26.85 -11.44
N LEU A 13 -23.59 25.67 -11.13
CA LEU A 13 -22.73 25.54 -9.96
C LEU A 13 -21.34 26.10 -10.24
N THR A 14 -20.75 26.73 -9.23
CA THR A 14 -19.36 27.17 -9.33
C THR A 14 -18.44 25.96 -9.22
N LYS A 15 -17.18 26.12 -9.62
CA LYS A 15 -16.24 25.02 -9.46
C LYS A 15 -15.99 24.76 -7.97
N SER A 16 -16.00 25.81 -7.14
CA SER A 16 -15.88 25.62 -5.70
C SER A 16 -17.03 24.79 -5.17
N GLN A 17 -18.24 25.06 -5.63
CA GLN A 17 -19.41 24.30 -5.18
C GLN A 17 -19.32 22.84 -5.65
N THR A 18 -18.89 22.63 -6.89
CA THR A 18 -18.73 21.26 -7.36
C THR A 18 -17.60 20.54 -6.63
N ASP A 19 -16.51 21.23 -6.30
CA ASP A 19 -15.47 20.63 -5.44
C ASP A 19 -16.07 20.11 -4.14
N ARG A 20 -16.93 20.94 -3.52
CA ARG A 20 -17.56 20.57 -2.25
C ARG A 20 -18.47 19.36 -2.42
N LEU A 21 -19.27 19.35 -3.49
CA LEU A 21 -20.16 18.21 -3.72
C LEU A 21 -19.36 16.94 -4.01
N GLU A 22 -18.25 17.07 -4.73
CA GLU A 22 -17.43 15.90 -5.04
C GLU A 22 -16.80 15.31 -3.78
N VAL A 23 -16.51 16.13 -2.76
CA VAL A 23 -16.04 15.57 -1.50
C VAL A 23 -17.09 14.67 -0.89
N LEU A 24 -18.37 15.04 -1.01
CA LEU A 24 -19.47 14.30 -0.42
C LEU A 24 -19.97 13.17 -1.30
N LEU A 25 -19.47 13.06 -2.52
CA LEU A 25 -19.96 12.09 -3.48
C LEU A 25 -19.24 10.75 -3.29
N ASN A 26 -20.02 9.66 -3.15
CA ASN A 26 -19.44 8.33 -3.07
C ASN A 26 -19.52 7.65 -4.44
N PRO A 27 -18.58 6.77 -4.79
CA PRO A 27 -18.58 6.20 -6.16
C PRO A 27 -19.91 5.59 -6.56
N LYS A 28 -20.63 4.97 -5.63
CA LYS A 28 -21.88 4.28 -5.96
C LYS A 28 -23.06 5.25 -6.03
N ASP A 29 -22.85 6.53 -5.73
CA ASP A 29 -23.93 7.51 -5.79
C ASP A 29 -24.44 7.66 -7.21
N GLU A 30 -25.76 7.71 -7.35
CA GLU A 30 -26.45 7.86 -8.63
C GLU A 30 -26.89 9.31 -8.85
N ILE A 31 -26.03 10.27 -8.57
CA ILE A 31 -26.39 11.69 -8.63
C ILE A 31 -25.55 12.38 -9.70
N SER A 32 -26.18 13.32 -10.40
CA SER A 32 -25.52 14.18 -11.37
C SER A 32 -25.46 15.59 -10.80
N LEU A 33 -24.23 16.11 -10.65
CA LEU A 33 -24.02 17.50 -10.28
C LEU A 33 -24.20 18.45 -11.44
N ASN A 34 -24.49 17.94 -12.63
CA ASN A 34 -24.73 18.73 -13.83
C ASN A 34 -26.22 18.96 -14.05
N SER A 35 -27.04 18.61 -13.06
CA SER A 35 -28.48 18.75 -13.09
C SER A 35 -28.90 20.21 -12.92
N GLY A 36 -30.21 20.44 -12.89
CA GLY A 36 -30.72 21.77 -12.64
C GLY A 36 -31.06 22.03 -11.19
N LYS A 37 -30.42 21.29 -10.28
CA LYS A 37 -30.68 21.34 -8.84
C LYS A 37 -29.78 22.37 -8.17
N PRO A 38 -30.31 23.15 -7.23
CA PRO A 38 -29.48 24.17 -6.57
C PRO A 38 -28.46 23.51 -5.64
N PHE A 39 -27.28 24.15 -5.53
CA PHE A 39 -26.20 23.65 -4.69
C PHE A 39 -26.68 23.26 -3.31
N ARG A 40 -27.41 24.17 -2.64
CA ARG A 40 -27.78 23.96 -1.24
C ARG A 40 -28.57 22.67 -1.06
N GLU A 41 -29.39 22.29 -2.03
CA GLU A 41 -30.18 21.10 -1.84
C GLU A 41 -29.48 19.84 -2.35
N LEU A 42 -28.61 19.95 -3.35
CA LEU A 42 -27.70 18.85 -3.66
C LEU A 42 -26.78 18.54 -2.48
N GLU A 43 -26.28 19.59 -1.81
CA GLU A 43 -25.42 19.40 -0.66
C GLU A 43 -26.17 18.77 0.50
N SER A 44 -27.41 19.21 0.73
CA SER A 44 -28.21 18.65 1.81
C SER A 44 -28.52 17.19 1.57
N GLU A 45 -28.80 16.82 0.31
CA GLU A 45 -29.01 15.42 -0.04
C GLU A 45 -27.78 14.58 0.28
N LEU A 46 -26.61 15.01 -0.19
CA LEU A 46 -25.41 14.20 -0.03
C LEU A 46 -24.97 14.14 1.43
N LEU A 47 -25.12 15.26 2.17
CA LEU A 47 -24.85 15.24 3.60
C LEU A 47 -25.71 14.20 4.32
N SER A 48 -27.00 14.11 3.95
CA SER A 48 -27.86 13.13 4.58
C SER A 48 -27.39 11.70 4.28
N ARG A 49 -27.00 11.44 3.03
CA ARG A 49 -26.55 10.12 2.66
C ARG A 49 -25.26 9.74 3.38
N ARG A 50 -24.31 10.67 3.49
CA ARG A 50 -23.04 10.33 4.10
C ARG A 50 -23.19 10.13 5.61
N LYS A 51 -24.06 10.91 6.25
CA LYS A 51 -24.33 10.67 7.67
C LYS A 51 -24.91 9.29 7.89
N LYS A 52 -25.84 8.87 7.03
CA LYS A 52 -26.42 7.52 7.14
C LYS A 52 -25.39 6.43 6.88
N ASP A 53 -24.49 6.65 5.91
CA ASP A 53 -23.40 5.71 5.67
C ASP A 53 -22.56 5.51 6.93
N LEU A 54 -22.16 6.62 7.58
CA LEU A 54 -21.39 6.51 8.82
C LEU A 54 -22.20 5.85 9.92
N GLN A 55 -23.48 6.18 10.02
CA GLN A 55 -24.33 5.55 11.02
C GLN A 55 -24.38 4.04 10.84
N GLN A 56 -24.49 3.58 9.59
CA GLN A 56 -24.56 2.14 9.33
C GLN A 56 -23.25 1.45 9.69
N ILE A 57 -22.11 2.07 9.39
CA ILE A 57 -20.82 1.50 9.82
C ILE A 57 -20.77 1.39 11.34
N TYR A 58 -21.17 2.46 12.03
CA TYR A 58 -21.10 2.49 13.49
C TYR A 58 -22.03 1.47 14.13
N ALA A 59 -23.19 1.25 13.52
CA ALA A 59 -24.16 0.30 14.06
C ALA A 59 -23.76 -1.15 13.83
N GLU A 60 -23.06 -1.45 12.72
CA GLU A 60 -22.99 -2.81 12.22
C GLU A 60 -21.61 -3.43 12.26
N GLU A 61 -20.58 -2.79 11.70
CA GLU A 61 -19.28 -3.46 11.62
C GLU A 61 -18.16 -2.75 12.35
N ARG A 62 -18.03 -1.43 12.19
CA ARG A 62 -17.14 -0.59 13.01
C ARG A 62 -15.67 -0.80 12.72
N GLU A 63 -15.32 -1.51 11.65
CA GLU A 63 -13.92 -1.75 11.34
C GLU A 63 -13.42 -0.76 10.29
N ASN A 64 -12.19 -0.31 10.47
CA ASN A 64 -11.53 0.62 9.56
C ASN A 64 -11.00 -0.13 8.33
N TYR A 65 -11.19 0.46 7.14
CA TYR A 65 -10.77 -0.20 5.89
C TYR A 65 -9.31 -0.61 5.92
N LEU A 66 -8.44 0.28 6.39
CA LEU A 66 -7.00 0.00 6.37
C LEU A 66 -6.64 -1.05 7.40
N GLY A 67 -7.21 -0.97 8.61
CA GLY A 67 -6.95 -2.03 9.58
C GLY A 67 -7.47 -3.39 9.10
N LYS A 68 -8.70 -3.40 8.59
CA LYS A 68 -9.32 -4.65 8.14
C LYS A 68 -8.55 -5.28 7.00
N LEU A 69 -8.09 -4.46 6.04
CA LEU A 69 -7.29 -5.00 4.94
C LEU A 69 -5.97 -5.56 5.46
N GLU A 70 -5.31 -4.85 6.38
CA GLU A 70 -4.09 -5.40 6.96
C GLU A 70 -4.36 -6.76 7.61
N ARG A 71 -5.46 -6.88 8.35
CA ARG A 71 -5.76 -8.15 9.01
C ARG A 71 -6.06 -9.25 8.01
N GLU A 72 -6.79 -8.93 6.93
CA GLU A 72 -7.08 -9.93 5.90
C GLU A 72 -5.80 -10.38 5.19
N ILE A 73 -4.95 -9.44 4.81
CA ILE A 73 -3.66 -9.78 4.20
C ILE A 73 -2.82 -10.62 5.15
N THR A 74 -2.85 -10.27 6.43
CA THR A 74 -2.06 -10.99 7.42
C THR A 74 -2.50 -12.46 7.51
N ARG A 75 -3.81 -12.68 7.50
CA ARG A 75 -4.34 -14.04 7.56
C ARG A 75 -3.92 -14.83 6.32
N PHE A 76 -3.96 -14.17 5.17
CA PHE A 76 -3.59 -14.79 3.91
C PHE A 76 -2.14 -15.25 3.83
N PHE A 77 -1.22 -14.44 4.35
CA PHE A 77 0.19 -14.83 4.28
C PHE A 77 0.58 -15.78 5.41
N VAL A 78 0.04 -15.59 6.60
CA VAL A 78 0.28 -16.54 7.68
C VAL A 78 -0.19 -17.93 7.26
N ASP A 79 -1.37 -18.00 6.64
CA ASP A 79 -1.92 -19.29 6.22
C ASP A 79 -1.07 -19.95 5.15
N ARG A 80 -0.31 -19.17 4.37
CA ARG A 80 0.57 -19.73 3.35
C ARG A 80 1.97 -19.99 3.85
N GLY A 81 2.20 -19.84 5.15
CA GLY A 81 3.47 -20.20 5.74
C GLY A 81 4.47 -19.10 5.91
N PHE A 82 4.05 -17.82 5.80
CA PHE A 82 4.95 -16.68 5.98
C PHE A 82 4.90 -16.19 7.43
N LEU A 83 6.07 -15.92 7.99
CA LEU A 83 6.16 -15.41 9.35
C LEU A 83 5.85 -13.91 9.38
N GLU A 84 4.99 -13.50 10.33
CA GLU A 84 4.58 -12.09 10.42
C GLU A 84 5.63 -11.27 11.18
N ILE A 85 6.18 -10.27 10.50
CA ILE A 85 7.24 -9.41 11.03
C ILE A 85 6.62 -8.05 11.36
N LYS A 86 7.05 -7.46 12.48
CA LYS A 86 6.79 -6.05 12.80
C LYS A 86 8.13 -5.43 13.20
N SER A 87 8.74 -4.68 12.29
CA SER A 87 10.06 -4.13 12.47
C SER A 87 9.99 -2.61 12.60
N PRO A 88 11.09 -1.95 12.95
CA PRO A 88 11.02 -0.50 13.22
C PRO A 88 10.60 0.29 12.00
N ILE A 89 9.79 1.33 12.25
CA ILE A 89 9.44 2.29 11.21
C ILE A 89 10.50 3.38 11.12
N LEU A 90 11.04 3.78 12.25
CA LEU A 90 12.16 4.72 12.31
C LEU A 90 13.46 3.93 12.18
N ILE A 91 14.19 4.13 11.08
CA ILE A 91 15.32 3.26 10.76
C ILE A 91 16.59 4.10 10.56
N PRO A 92 17.76 3.48 10.72
CA PRO A 92 19.02 4.20 10.47
C PRO A 92 19.11 4.68 9.03
N LEU A 93 19.55 5.93 8.86
CA LEU A 93 19.72 6.49 7.52
C LEU A 93 20.68 5.65 6.70
N GLU A 94 21.57 4.94 7.38
CA GLU A 94 22.57 4.13 6.71
C GLU A 94 21.90 3.09 5.83
N TYR A 95 20.78 2.54 6.31
CA TYR A 95 20.09 1.51 5.54
C TYR A 95 19.75 1.98 4.12
N ILE A 96 19.43 3.26 3.96
CA ILE A 96 19.08 3.80 2.65
C ILE A 96 20.27 3.75 1.69
N GLU A 97 21.42 4.25 2.12
CA GLU A 97 22.62 4.15 1.28
C GLU A 97 22.96 2.70 0.97
N ARG A 98 22.87 1.82 1.97
CA ARG A 98 23.18 0.43 1.74
C ARG A 98 22.22 -0.26 0.78
N MET A 99 21.06 0.33 0.53
CA MET A 99 20.16 -0.18 -0.49
C MET A 99 20.58 0.26 -1.89
N GLY A 100 21.68 1.00 -2.01
CA GLY A 100 22.12 1.51 -3.29
C GLY A 100 21.43 2.77 -3.73
N ILE A 101 20.80 3.50 -2.80
CA ILE A 101 20.08 4.72 -3.12
C ILE A 101 21.01 5.88 -2.88
N ASP A 102 21.50 6.44 -3.97
CA ASP A 102 22.38 7.59 -4.00
C ASP A 102 21.68 8.71 -4.76
N ASN A 103 22.27 9.92 -4.71
CA ASN A 103 21.61 11.10 -5.28
C ASN A 103 21.10 10.87 -6.70
N ASP A 104 21.77 10.02 -7.49
CA ASP A 104 21.30 9.77 -8.86
C ASP A 104 19.92 9.11 -8.85
N THR A 105 19.65 8.24 -7.88
CA THR A 105 18.33 7.61 -7.76
C THR A 105 17.27 8.63 -7.34
N GLU A 106 16.03 8.41 -7.78
CA GLU A 106 14.95 9.32 -7.42
C GLU A 106 14.69 9.32 -5.91
N LEU A 107 14.69 8.13 -5.29
CA LEU A 107 14.23 8.00 -3.92
C LEU A 107 15.05 8.82 -2.92
N SER A 108 16.28 9.16 -3.27
CA SER A 108 17.16 9.82 -2.26
C SER A 108 16.56 11.13 -1.74
N LYS A 109 15.90 11.85 -2.64
CA LYS A 109 15.32 13.12 -2.26
C LYS A 109 13.92 12.98 -1.69
N GLN A 110 13.38 11.77 -1.61
CA GLN A 110 12.07 11.51 -1.05
C GLN A 110 12.12 11.12 0.42
N ILE A 111 13.29 11.12 1.06
CA ILE A 111 13.44 10.58 2.40
C ILE A 111 13.02 11.62 3.43
N PHE A 112 12.15 11.22 4.37
CA PHE A 112 11.89 12.03 5.56
C PHE A 112 12.99 11.74 6.58
N ARG A 113 13.91 12.69 6.77
CA ARG A 113 14.97 12.51 7.76
C ARG A 113 14.45 12.92 9.13
N VAL A 114 14.98 12.29 10.18
CA VAL A 114 14.44 12.61 11.51
C VAL A 114 15.49 13.25 12.41
N ASP A 115 16.63 12.58 12.61
CA ASP A 115 17.66 13.28 13.37
C ASP A 115 18.89 13.44 12.49
N LYS A 116 20.08 13.27 13.06
CA LYS A 116 21.28 13.23 12.24
C LYS A 116 21.37 11.93 11.47
N ASN A 117 20.92 10.82 12.08
CA ASN A 117 21.25 9.49 11.61
C ASN A 117 20.02 8.62 11.31
N PHE A 118 18.81 9.15 11.42
CA PHE A 118 17.62 8.33 11.28
C PHE A 118 16.68 8.89 10.23
N CYS A 119 15.75 8.04 9.79
CA CYS A 119 14.75 8.44 8.83
C CYS A 119 13.50 7.60 9.04
N LEU A 120 12.38 8.13 8.53
CA LEU A 120 11.18 7.32 8.38
C LEU A 120 11.39 6.39 7.18
N ARG A 121 11.17 5.10 7.37
CA ARG A 121 11.51 4.16 6.31
C ARG A 121 10.65 4.44 5.09
N PRO A 122 11.25 4.54 3.90
CA PRO A 122 10.46 4.63 2.66
C PRO A 122 10.15 3.27 2.05
N MET A 123 10.65 2.20 2.66
CA MET A 123 10.63 0.89 2.04
C MET A 123 10.81 -0.15 3.14
N LEU A 124 10.41 -1.39 2.83
CA LEU A 124 10.54 -2.50 3.76
C LEU A 124 11.78 -3.37 3.49
N ALA A 125 12.41 -3.24 2.32
CA ALA A 125 13.49 -4.17 1.97
C ALA A 125 14.63 -4.24 2.98
N PRO A 126 15.11 -3.14 3.58
CA PRO A 126 16.25 -3.28 4.50
C PRO A 126 15.95 -4.17 5.69
N ASN A 127 14.80 -3.93 6.34
CA ASN A 127 14.41 -4.72 7.51
C ASN A 127 14.14 -6.16 7.13
N LEU A 128 13.54 -6.40 5.96
CA LEU A 128 13.27 -7.77 5.56
C LEU A 128 14.58 -8.52 5.23
N TYR A 129 15.53 -7.84 4.58
CA TYR A 129 16.87 -8.41 4.39
C TYR A 129 17.48 -8.83 5.72
N ASN A 130 17.43 -7.95 6.73
CA ASN A 130 18.06 -8.27 8.02
C ASN A 130 17.37 -9.46 8.67
N TYR A 131 16.05 -9.54 8.53
CA TYR A 131 15.34 -10.67 9.10
C TYR A 131 15.68 -11.96 8.38
N LEU A 132 15.77 -11.92 7.05
CA LEU A 132 16.12 -13.12 6.30
C LEU A 132 17.48 -13.65 6.73
N ARG A 133 18.47 -12.76 6.84
CA ARG A 133 19.82 -13.15 7.25
C ARG A 133 19.82 -13.77 8.64
N LYS A 134 19.15 -13.13 9.59
CA LYS A 134 19.14 -13.66 10.96
C LYS A 134 18.36 -14.96 11.06
N LEU A 135 17.17 -15.02 10.44
CA LEU A 135 16.34 -16.21 10.57
C LEU A 135 16.94 -17.42 9.86
N ASP A 136 17.82 -17.19 8.88
CA ASP A 136 18.46 -18.31 8.18
C ASP A 136 19.33 -19.15 9.13
N ARG A 137 19.77 -18.58 10.25
CA ARG A 137 20.48 -19.35 11.26
C ARG A 137 19.57 -20.26 12.08
N ALA A 138 18.24 -20.11 11.99
CA ALA A 138 17.36 -20.82 12.90
C ALA A 138 16.25 -21.61 12.20
N LEU A 139 15.82 -21.16 11.05
CA LEU A 139 14.64 -21.74 10.47
C LEU A 139 14.98 -22.66 9.29
N PRO A 140 14.16 -23.68 9.06
CA PRO A 140 14.39 -24.56 7.90
C PRO A 140 14.06 -23.86 6.58
N ASP A 141 14.77 -24.32 5.55
CA ASP A 141 14.57 -23.85 4.19
C ASP A 141 13.22 -24.33 3.67
N PRO A 142 12.44 -23.46 2.97
CA PRO A 142 12.68 -22.04 2.67
C PRO A 142 12.16 -21.10 3.77
N ILE A 143 12.72 -19.91 3.82
CA ILE A 143 12.38 -18.91 4.82
C ILE A 143 11.40 -17.93 4.17
N LYS A 144 10.20 -17.82 4.74
CA LYS A 144 9.12 -17.01 4.19
C LYS A 144 8.68 -16.01 5.24
N ILE A 145 8.77 -14.71 4.92
CA ILE A 145 8.42 -13.66 5.88
C ILE A 145 7.61 -12.58 5.17
N PHE A 146 6.84 -11.82 5.96
CA PHE A 146 6.14 -10.67 5.40
C PHE A 146 5.98 -9.62 6.49
N GLU A 147 5.79 -8.38 6.06
CA GLU A 147 5.50 -7.30 6.98
C GLU A 147 4.48 -6.38 6.32
N ILE A 148 3.60 -5.81 7.14
CA ILE A 148 2.68 -4.76 6.73
C ILE A 148 2.86 -3.60 7.70
N GLY A 149 3.05 -2.39 7.17
CA GLY A 149 3.12 -1.24 8.05
C GLY A 149 3.44 0.07 7.34
N PRO A 150 3.50 1.15 8.12
CA PRO A 150 3.69 2.49 7.54
C PRO A 150 5.03 2.61 6.81
N CYS A 151 4.99 3.34 5.70
CA CYS A 151 6.18 3.79 4.98
C CYS A 151 5.94 5.24 4.59
N TYR A 152 7.04 5.96 4.33
CA TYR A 152 6.98 7.41 4.16
C TYR A 152 7.86 7.85 3.00
N ARG A 153 7.29 8.67 2.10
CA ARG A 153 8.03 9.24 0.97
C ARG A 153 7.49 10.64 0.70
N LYS A 154 8.40 11.59 0.47
CA LYS A 154 7.96 12.88 -0.08
C LYS A 154 7.60 12.70 -1.55
N GLU A 155 6.41 13.17 -1.92
CA GLU A 155 5.88 12.99 -3.28
C GLU A 155 5.28 14.30 -3.75
N SER A 156 5.24 14.48 -5.07
CA SER A 156 4.40 15.54 -5.65
C SER A 156 2.93 15.17 -5.52
N ASP A 157 2.08 16.20 -5.39
CA ASP A 157 0.64 15.97 -5.31
C ASP A 157 0.20 15.07 -6.46
N GLY A 158 -0.52 14.02 -6.12
CA GLY A 158 -0.94 13.06 -7.12
C GLY A 158 -2.12 12.28 -6.63
N LYS A 159 -2.98 11.89 -7.58
CA LYS A 159 -4.12 11.06 -7.25
C LYS A 159 -3.71 9.64 -6.84
N GLU A 160 -2.45 9.26 -7.05
CA GLU A 160 -2.00 7.89 -6.76
C GLU A 160 -0.93 7.82 -5.68
N HIS A 161 -0.52 8.96 -5.09
CA HIS A 161 0.58 8.96 -4.14
C HIS A 161 0.16 9.61 -2.84
N LEU A 162 0.60 9.02 -1.73
CA LEU A 162 0.49 9.60 -0.40
C LEU A 162 1.89 9.75 0.18
N GLU A 163 2.06 10.71 1.07
CA GLU A 163 3.36 10.81 1.73
C GLU A 163 3.47 9.80 2.86
N GLU A 164 2.33 9.43 3.44
CA GLU A 164 2.24 8.44 4.50
C GLU A 164 1.36 7.32 3.97
N PHE A 165 1.95 6.15 3.72
CA PHE A 165 1.17 5.05 3.18
C PHE A 165 1.51 3.77 3.93
N THR A 166 0.95 2.66 3.47
CA THR A 166 1.06 1.39 4.16
C THR A 166 1.51 0.38 3.12
N MET A 167 2.59 -0.33 3.42
N MET A 167 2.60 -0.31 3.38
CA MET A 167 3.22 -1.26 2.51
CA MET A 167 3.08 -1.28 2.42
C MET A 167 3.05 -2.69 3.02
C MET A 167 3.02 -2.67 3.00
N LEU A 168 2.72 -3.63 2.12
CA LEU A 168 2.92 -5.06 2.37
C LEU A 168 4.21 -5.42 1.64
N GLY A 169 5.13 -6.10 2.32
CA GLY A 169 6.28 -6.67 1.65
C GLY A 169 6.43 -8.12 2.07
N PHE A 170 6.64 -8.99 1.10
CA PHE A 170 6.88 -10.39 1.45
C PHE A 170 8.11 -10.89 0.71
N GLN A 171 8.76 -11.88 1.30
CA GLN A 171 9.99 -12.40 0.72
C GLN A 171 10.14 -13.84 1.11
N GLN A 172 10.56 -14.66 0.16
CA GLN A 172 10.90 -16.06 0.41
C GLN A 172 12.34 -16.27 -0.02
N MET A 173 13.11 -17.04 0.77
CA MET A 173 14.53 -17.21 0.49
C MET A 173 14.89 -18.68 0.56
N GLY A 174 15.63 -19.14 -0.44
CA GLY A 174 16.09 -20.53 -0.49
C GLY A 174 15.48 -21.28 -1.65
N SER A 175 14.89 -22.44 -1.35
CA SER A 175 14.32 -23.27 -2.40
C SER A 175 12.96 -22.73 -2.83
N GLY A 176 12.55 -23.10 -4.05
CA GLY A 176 11.27 -22.68 -4.57
C GLY A 176 11.20 -21.24 -5.02
N CYS A 177 12.34 -20.57 -5.17
CA CYS A 177 12.35 -19.15 -5.49
C CYS A 177 12.43 -18.94 -7.01
N THR A 178 11.37 -19.36 -7.66
CA THR A 178 11.22 -19.21 -9.09
C THR A 178 10.25 -18.09 -9.43
N ARG A 179 10.42 -17.56 -10.64
CA ARG A 179 9.48 -16.56 -11.12
C ARG A 179 8.06 -17.13 -11.18
N GLU A 180 7.92 -18.39 -11.58
CA GLU A 180 6.60 -19.02 -11.62
C GLU A 180 5.96 -19.01 -10.23
N ASN A 181 6.74 -19.38 -9.20
CA ASN A 181 6.18 -19.40 -7.86
C ASN A 181 5.82 -18.00 -7.40
N LEU A 182 6.66 -17.02 -7.73
CA LEU A 182 6.35 -15.64 -7.38
C LEU A 182 5.05 -15.18 -8.04
N GLU A 183 4.89 -15.50 -9.34
CA GLU A 183 3.65 -15.10 -10.01
C GLU A 183 2.45 -15.83 -9.44
N SER A 184 2.63 -17.06 -8.97
CA SER A 184 1.52 -17.78 -8.39
C SER A 184 1.06 -17.14 -7.08
N ILE A 185 2.00 -16.68 -6.26
CA ILE A 185 1.64 -16.02 -5.00
C ILE A 185 0.86 -14.75 -5.29
N ILE A 186 1.41 -13.91 -6.18
CA ILE A 186 0.76 -12.65 -6.54
C ILE A 186 -0.64 -12.91 -7.07
N THR A 187 -0.76 -13.90 -7.95
CA THR A 187 -2.04 -14.17 -8.60
C THR A 187 -3.07 -14.67 -7.60
N ASP A 188 -2.70 -15.64 -6.76
CA ASP A 188 -3.62 -16.11 -5.71
C ASP A 188 -4.02 -14.98 -4.78
N PHE A 189 -3.06 -14.12 -4.45
CA PHE A 189 -3.30 -13.03 -3.52
C PHE A 189 -4.33 -12.04 -4.06
N LEU A 190 -4.14 -11.58 -5.29
CA LEU A 190 -5.05 -10.58 -5.84
C LEU A 190 -6.39 -11.18 -6.23
N ASN A 191 -6.44 -12.45 -6.66
CA ASN A 191 -7.72 -13.09 -6.89
C ASN A 191 -8.47 -13.31 -5.58
N HIS A 192 -7.75 -13.55 -4.48
CA HIS A 192 -8.36 -13.66 -3.16
C HIS A 192 -8.99 -12.33 -2.74
N LEU A 193 -8.30 -11.21 -2.99
CA LEU A 193 -8.83 -9.89 -2.63
C LEU A 193 -9.87 -9.39 -3.62
N GLY A 194 -9.99 -10.01 -4.79
CA GLY A 194 -10.90 -9.51 -5.81
C GLY A 194 -10.40 -8.27 -6.51
N ILE A 195 -9.12 -8.22 -6.86
CA ILE A 195 -8.51 -7.06 -7.49
C ILE A 195 -7.96 -7.47 -8.85
N ASP A 196 -8.41 -6.77 -9.90
CA ASP A 196 -7.98 -7.07 -11.26
C ASP A 196 -6.55 -6.60 -11.49
N PHE A 197 -5.77 -7.36 -12.26
CA PHE A 197 -4.37 -7.00 -12.44
C PHE A 197 -3.83 -7.62 -13.72
N LYS A 198 -2.67 -7.11 -14.13
CA LYS A 198 -1.83 -7.69 -15.16
C LYS A 198 -0.39 -7.65 -14.65
N ILE A 199 0.32 -8.75 -14.82
CA ILE A 199 1.74 -8.80 -14.51
C ILE A 199 2.52 -8.46 -15.77
N VAL A 200 3.41 -7.48 -15.69
CA VAL A 200 4.25 -7.09 -16.83
C VAL A 200 5.72 -7.22 -16.44
N GLY A 201 6.52 -7.79 -17.35
CA GLY A 201 7.95 -7.91 -17.14
C GLY A 201 8.73 -7.82 -18.44
N GLY A 208 18.91 -10.25 -12.12
CA GLY A 208 18.02 -9.27 -11.54
C GLY A 208 16.66 -9.17 -12.22
N ASP A 209 15.94 -10.30 -12.29
CA ASP A 209 14.61 -10.32 -12.89
C ASP A 209 13.63 -9.49 -12.06
N THR A 210 12.86 -8.63 -12.75
CA THR A 210 11.89 -7.77 -12.09
C THR A 210 10.59 -7.73 -12.89
N LEU A 211 9.49 -7.50 -12.17
CA LEU A 211 8.19 -7.45 -12.79
C LEU A 211 7.31 -6.47 -12.01
N ASP A 212 6.32 -5.91 -12.68
CA ASP A 212 5.38 -4.98 -12.07
C ASP A 212 3.98 -5.55 -12.19
N VAL A 213 3.17 -5.31 -11.15
CA VAL A 213 1.79 -5.74 -11.12
C VAL A 213 0.94 -4.49 -11.32
N MET A 214 0.27 -4.41 -12.47
CA MET A 214 -0.44 -3.21 -12.91
C MET A 214 -1.94 -3.39 -12.79
N HIS A 215 -2.64 -2.30 -12.46
CA HIS A 215 -4.08 -2.19 -12.65
C HIS A 215 -4.28 -1.00 -13.59
N GLY A 216 -4.41 -1.30 -14.89
CA GLY A 216 -4.39 -0.22 -15.86
C GLY A 216 -3.04 0.44 -15.80
N ASP A 217 -3.03 1.76 -15.69
CA ASP A 217 -1.78 2.50 -15.57
C ASP A 217 -1.28 2.60 -14.15
N LEU A 218 -2.01 2.05 -13.18
CA LEU A 218 -1.66 2.16 -11.78
C LEU A 218 -0.81 0.98 -11.34
N GLU A 219 0.34 1.27 -10.74
CA GLU A 219 1.23 0.23 -10.24
C GLU A 219 0.75 -0.23 -8.87
N LEU A 220 0.31 -1.48 -8.78
CA LEU A 220 -0.05 -2.06 -7.49
C LEU A 220 1.17 -2.56 -6.74
N SER A 221 2.16 -3.07 -7.47
CA SER A 221 3.30 -3.74 -6.86
C SER A 221 4.48 -3.73 -7.81
N SER A 222 5.68 -3.72 -7.25
CA SER A 222 6.87 -4.20 -7.93
C SER A 222 7.36 -5.47 -7.25
N ALA A 223 7.82 -6.43 -8.04
CA ALA A 223 8.28 -7.69 -7.49
C ALA A 223 9.65 -8.01 -8.08
N GLY A 224 10.37 -8.92 -7.41
CA GLY A 224 11.72 -9.23 -7.85
C GLY A 224 12.12 -10.67 -7.58
N VAL A 225 13.10 -11.12 -8.36
CA VAL A 225 13.70 -12.44 -8.20
C VAL A 225 15.21 -12.26 -8.00
N GLY A 226 15.71 -12.81 -6.90
CA GLY A 226 17.13 -12.78 -6.62
C GLY A 226 17.74 -14.13 -6.97
N PRO A 227 19.08 -14.25 -6.87
CA PRO A 227 20.04 -13.27 -6.33
C PRO A 227 20.26 -12.05 -7.19
N ILE A 228 20.61 -10.95 -6.53
CA ILE A 228 21.10 -9.75 -7.19
C ILE A 228 22.36 -9.32 -6.46
N PRO A 229 23.23 -8.52 -7.10
CA PRO A 229 24.48 -8.15 -6.43
C PRO A 229 24.30 -7.40 -5.12
N LEU A 230 23.20 -6.65 -4.96
CA LEU A 230 22.95 -5.96 -3.70
C LEU A 230 22.86 -6.91 -2.51
N ASP A 231 22.46 -8.16 -2.73
CA ASP A 231 22.30 -9.12 -1.64
C ASP A 231 23.55 -9.20 -0.76
N ARG A 232 24.75 -9.14 -1.37
CA ARG A 232 25.96 -9.38 -0.60
C ARG A 232 26.14 -8.35 0.51
N GLU A 233 25.74 -7.10 0.26
CA GLU A 233 25.90 -6.08 1.31
C GLU A 233 25.04 -6.39 2.54
N TRP A 234 23.97 -7.15 2.36
CA TRP A 234 23.06 -7.48 3.45
C TRP A 234 23.34 -8.87 4.04
N GLY A 235 24.43 -9.51 3.64
CA GLY A 235 24.73 -10.84 4.15
C GLY A 235 23.85 -11.94 3.60
N ILE A 236 23.30 -11.76 2.40
CA ILE A 236 22.39 -12.70 1.78
C ILE A 236 23.12 -13.34 0.61
N ASP A 237 23.08 -14.68 0.53
CA ASP A 237 23.71 -15.35 -0.61
C ASP A 237 22.87 -16.54 -1.08
N LYS A 238 21.56 -16.42 -1.00
CA LYS A 238 20.63 -17.44 -1.47
C LYS A 238 19.64 -16.82 -2.44
N PRO A 239 19.03 -17.63 -3.32
CA PRO A 239 17.96 -17.11 -4.18
C PRO A 239 16.79 -16.63 -3.34
N TRP A 240 16.01 -15.72 -3.93
CA TRP A 240 14.83 -15.24 -3.22
C TRP A 240 13.83 -14.69 -4.22
N ILE A 241 12.58 -14.57 -3.78
CA ILE A 241 11.52 -13.91 -4.53
C ILE A 241 10.75 -13.04 -3.53
N GLY A 242 10.21 -11.93 -4.01
CA GLY A 242 9.46 -11.06 -3.11
C GLY A 242 8.75 -9.99 -3.89
N ALA A 243 7.95 -9.20 -3.18
CA ALA A 243 7.15 -8.15 -3.80
C ALA A 243 6.68 -7.20 -2.71
N GLY A 244 6.33 -6.00 -3.13
CA GLY A 244 5.74 -5.03 -2.23
C GLY A 244 4.51 -4.39 -2.85
N PHE A 245 3.46 -4.22 -2.03
CA PHE A 245 2.17 -3.72 -2.46
C PHE A 245 1.75 -2.54 -1.58
N GLY A 246 1.21 -1.48 -2.17
CA GLY A 246 0.61 -0.43 -1.33
C GLY A 246 -0.82 -0.73 -0.96
N LEU A 247 -1.13 -0.78 0.35
CA LEU A 247 -2.51 -1.09 0.77
C LEU A 247 -3.50 -0.02 0.31
N GLU A 248 -3.11 1.27 0.38
CA GLU A 248 -4.07 2.29 -0.04
C GLU A 248 -4.37 2.19 -1.53
N ARG A 249 -3.40 1.78 -2.36
CA ARG A 249 -3.70 1.58 -3.78
C ARG A 249 -4.67 0.42 -3.97
N LEU A 250 -4.54 -0.65 -3.19
CA LEU A 250 -5.50 -1.75 -3.28
C LEU A 250 -6.90 -1.28 -2.90
N LEU A 251 -7.01 -0.51 -1.82
CA LEU A 251 -8.31 0.04 -1.44
C LEU A 251 -8.85 0.96 -2.51
N LYS A 252 -7.99 1.81 -3.08
CA LYS A 252 -8.44 2.73 -4.13
C LYS A 252 -9.06 1.97 -5.29
N VAL A 253 -8.42 0.87 -5.71
CA VAL A 253 -8.95 0.06 -6.81
C VAL A 253 -10.24 -0.64 -6.38
N LYS A 254 -10.23 -1.29 -5.20
CA LYS A 254 -11.36 -2.11 -4.79
C LYS A 254 -12.62 -1.26 -4.65
N HIS A 255 -12.49 -0.04 -4.11
CA HIS A 255 -13.64 0.81 -3.83
C HIS A 255 -13.84 1.87 -4.90
N ASP A 256 -13.02 1.86 -5.95
CA ASP A 256 -13.12 2.78 -7.08
C ASP A 256 -13.05 4.24 -6.64
N PHE A 257 -12.19 4.52 -5.66
CA PHE A 257 -11.95 5.91 -5.26
C PHE A 257 -11.26 6.67 -6.38
N LYS A 258 -11.69 7.91 -6.60
CA LYS A 258 -11.01 8.70 -7.61
C LYS A 258 -9.66 9.23 -7.13
N ASN A 259 -9.50 9.46 -5.83
CA ASN A 259 -8.23 9.94 -5.29
C ASN A 259 -7.81 9.04 -4.13
N ILE A 260 -6.53 8.72 -4.07
CA ILE A 260 -6.03 7.81 -3.04
C ILE A 260 -6.16 8.43 -1.64
N LYS A 261 -6.32 9.75 -1.54
CA LYS A 261 -6.56 10.34 -0.22
C LYS A 261 -7.81 9.78 0.46
N ARG A 262 -8.77 9.25 -0.29
CA ARG A 262 -9.91 8.62 0.39
C ARG A 262 -9.57 7.32 1.10
N ALA A 263 -8.43 6.70 0.79
CA ALA A 263 -8.05 5.45 1.44
C ALA A 263 -7.00 5.63 2.52
N ALA A 264 -6.49 6.85 2.72
CA ALA A 264 -5.35 7.07 3.57
C ALA A 264 -5.76 7.10 5.03
N ARG A 265 -4.77 6.86 5.91
CA ARG A 265 -4.82 7.40 7.26
C ARG A 265 -5.17 8.86 7.17
N SER A 266 -6.23 9.27 7.87
CA SER A 266 -6.74 10.60 7.55
C SER A 266 -7.66 11.04 8.67
N GLU A 267 -7.76 12.36 8.83
CA GLU A 267 -8.84 12.94 9.61
C GLU A 267 -9.98 13.42 8.73
N SER A 268 -9.82 13.38 7.40
CA SER A 268 -10.79 13.91 6.44
C SER A 268 -11.73 12.85 5.86
N TYR A 269 -11.39 11.58 5.98
CA TYR A 269 -12.20 10.49 5.42
C TYR A 269 -12.18 9.32 6.38
N TYR A 270 -13.35 8.69 6.56
CA TYR A 270 -13.46 7.42 7.29
C TYR A 270 -14.03 6.39 6.33
N ASN A 271 -13.24 5.35 6.02
CA ASN A 271 -13.67 4.33 5.05
C ASN A 271 -14.18 4.99 3.77
N GLY A 272 -13.46 6.03 3.33
CA GLY A 272 -13.79 6.71 2.10
C GLY A 272 -14.95 7.67 2.18
N ILE A 273 -15.52 7.89 3.38
CA ILE A 273 -16.62 8.82 3.58
C ILE A 273 -16.06 10.10 4.19
N SER A 274 -16.45 11.24 3.62
CA SER A 274 -15.99 12.51 4.17
C SER A 274 -16.45 12.64 5.62
N THR A 275 -15.53 13.11 6.47
CA THR A 275 -15.84 13.39 7.87
C THR A 275 -16.18 14.85 8.11
N ASN A 276 -16.30 15.64 7.05
CA ASN A 276 -16.60 17.06 7.16
C ASN A 276 -18.06 17.27 6.75
N LEU A 277 -18.95 16.99 7.67
CA LEU A 277 -20.37 16.96 7.36
C LEU A 277 -21.10 18.12 8.04
PG ANP B . 5.45 4.70 -8.27
O1G ANP B . 3.99 4.78 -8.36
O2G ANP B . 6.02 5.87 -7.40
O3G ANP B . 6.05 4.73 -9.70
PB ANP B . 7.29 2.98 -6.92
O1B ANP B . 8.23 2.35 -7.86
O2B ANP B . 7.86 4.31 -6.43
N3B ANP B . 5.79 3.19 -7.61
PA ANP B . 7.89 0.95 -5.12
O1A ANP B . 9.14 1.50 -4.61
O2A ANP B . 8.02 -0.21 -6.08
O3A ANP B . 6.99 2.04 -5.75
O5' ANP B . 7.02 0.51 -3.90
C5' ANP B . 6.20 -0.65 -3.92
C4' ANP B . 4.73 -0.31 -3.92
O4' ANP B . 4.40 0.58 -2.84
C3' ANP B . 4.20 0.40 -5.16
O3' ANP B . 3.97 -0.54 -6.20
C2' ANP B . 2.91 1.02 -4.64
O2' ANP B . 1.81 0.13 -4.62
C1' ANP B . 3.30 1.39 -3.21
N9 ANP B . 3.68 2.80 -3.06
C8 ANP B . 4.91 3.35 -3.31
N7 ANP B . 4.97 4.64 -3.11
C5 ANP B . 3.69 4.96 -2.69
C6 ANP B . 3.08 6.19 -2.31
N6 ANP B . 3.73 7.35 -2.29
N1 ANP B . 1.78 6.17 -1.96
C2 ANP B . 1.12 4.99 -1.98
N3 ANP B . 1.59 3.78 -2.31
C4 ANP B . 2.88 3.83 -2.66
HOG2 ANP B . 5.91 6.64 -7.83
HOG3 ANP B . 5.59 5.30 -10.21
HOB2 ANP B . 8.72 4.38 -6.69
HNB1 ANP B . 5.66 2.54 -8.25
HOA2 ANP B . 8.86 -0.50 -6.08
H5'1 ANP B . 6.42 -1.17 -4.71
H5'2 ANP B . 6.41 -1.18 -3.11
H4' ANP B . 4.23 -1.15 -3.80
H3' ANP B . 4.82 1.08 -5.43
HO3' ANP B . 3.59 -0.13 -6.90
H2' ANP B . 2.73 1.84 -5.14
HO2' ANP B . 1.13 0.49 -5.06
H1' ANP B . 2.55 1.21 -2.61
H8 ANP B . 5.65 2.84 -3.62
HN61 ANP B . 4.06 7.68 -1.49
HN62 ANP B . 3.43 8.05 -2.81
H2 ANP B . 0.18 5.03 -1.71
MG MG C . 7.62 6.26 -6.53
MG MG D . 7.85 0.07 -8.40
C4 4OG E . 10.33 -6.55 -1.87
C5 4OG E . 10.47 -6.24 -4.63
C6 4OG E . 10.93 -7.40 -4.03
C7 4OG E . 10.85 -7.55 -2.65
C8 4OG E . 9.95 -5.25 -3.85
C9 4OG E . 9.89 -5.40 -2.47
N 4OG E . 11.04 -2.15 -2.91
CA 4OG E . 9.87 -1.95 -2.04
CB 4OG E . 8.87 -3.09 -2.20
C1 4OG E . 9.39 -4.43 -1.63
C2 4OG E . 9.39 -4.77 -0.29
S3 4OG E . 10.07 -6.36 -0.18
C 4OG E . 10.33 -1.95 -0.58
O 4OG E . 9.49 -1.77 0.34
OXT 4OG E . 11.53 -2.16 -0.28
#